data_3P1L
#
_entry.id   3P1L
#
_cell.length_a   101.710
_cell.length_b   101.710
_cell.length_c   108.780
_cell.angle_alpha   90.00
_cell.angle_beta   90.00
_cell.angle_gamma   90.00
#
_symmetry.space_group_name_H-M   'P 43 21 2'
#
loop_
_entity.id
_entity.type
_entity.pdbx_description
1 polymer 'Lipoprotein yfgL'
2 non-polymer 'SODIUM ION'
3 water water
#
_entity_poly.entity_id   1
_entity_poly.type   'polypeptide(L)'
_entity_poly.pdbx_seq_one_letter_code
;MGSSHHHHHHSSGLVPRGSHMSLFNSEEDVVKMSPLPTVENQFTPTTAWSTSVGSGIGNFYSNLHPALADNVVYAADRAG
LVKALNADDGKEIWSVSLAEKDGWFSKEPALLSGGVTVSGGHVYIGSEKAQVYALNTSDGTVAWQTKVAGEALSRPVVSD
GLVLIHTSNGQLQALNEADGAVKWTVNLDMPSLSLRGESAPTTAFGAAVVGGDNGRVSAVLMEQGQMIWQQRISQATGST
EIDRLSDVDTTPVVVNGVVFALAYNGNLTALDLRSGQIMWKRELGSVNDFIVDGNRIYLVDQNDRVMALTIDGGVTLWTQ
SDLLHRLLTSPVLYNGNLVVGDSEGYLHWINVEDGRFVAQQKVDSSGFQTEPVAADGKLLIQAKDGTVYSITR
;
_entity_poly.pdbx_strand_id   A
#
loop_
_chem_comp.id
_chem_comp.type
_chem_comp.name
_chem_comp.formula
NA non-polymer 'SODIUM ION' 'Na 1'
#
# COMPACT_ATOMS: atom_id res chain seq x y z
N LYS A 32 -4.19 24.48 12.63
CA LYS A 32 -2.96 23.77 12.18
C LYS A 32 -3.25 23.24 10.78
N MET A 33 -4.30 22.44 10.66
CA MET A 33 -4.75 21.88 9.38
C MET A 33 -5.05 22.98 8.35
N SER A 34 -4.61 22.80 7.10
CA SER A 34 -4.94 23.78 6.04
C SER A 34 -6.41 23.79 5.65
N PRO A 35 -6.93 25.02 5.40
CA PRO A 35 -8.29 25.25 4.89
C PRO A 35 -8.46 24.58 3.53
N LEU A 36 -9.65 24.07 3.30
CA LEU A 36 -9.98 23.46 2.05
C LEU A 36 -9.67 24.46 0.92
N PRO A 37 -8.69 24.12 0.03
CA PRO A 37 -8.44 25.04 -1.09
C PRO A 37 -9.71 25.31 -1.96
N THR A 38 -9.81 26.53 -2.50
CA THR A 38 -10.90 26.88 -3.43
C THR A 38 -10.41 26.55 -4.85
N VAL A 39 -11.22 25.78 -5.55
CA VAL A 39 -10.88 25.20 -6.86
C VAL A 39 -12.00 25.50 -7.87
N GLU A 40 -11.55 25.63 -9.10
CA GLU A 40 -12.40 25.76 -10.24
C GLU A 40 -12.39 24.48 -11.01
N ASN A 41 -13.21 23.55 -10.62
CA ASN A 41 -13.21 22.25 -11.23
C ASN A 41 -13.09 22.24 -12.73
N GLN A 42 -12.05 21.65 -13.26
CA GLN A 42 -11.89 21.51 -14.68
C GLN A 42 -12.87 20.50 -15.21
N PHE A 43 -13.32 19.65 -14.35
CA PHE A 43 -14.32 18.66 -14.73
C PHE A 43 -15.10 18.32 -13.46
N THR A 44 -16.06 17.42 -13.58
CA THR A 44 -16.96 17.18 -12.47
C THR A 44 -16.97 15.72 -11.97
N PRO A 45 -16.44 15.53 -10.75
CA PRO A 45 -16.28 14.19 -10.21
C PRO A 45 -17.46 13.81 -9.31
N THR A 46 -17.88 12.56 -9.46
CA THR A 46 -18.94 11.99 -8.62
C THR A 46 -18.67 10.52 -8.25
N THR A 47 -19.39 10.09 -7.23
CA THR A 47 -19.41 8.69 -6.89
C THR A 47 -20.22 7.94 -7.94
N ALA A 48 -19.57 7.09 -8.72
CA ALA A 48 -20.25 6.05 -9.52
C ALA A 48 -21.07 5.11 -8.63
N TRP A 49 -20.48 4.61 -7.53
CA TRP A 49 -21.23 3.82 -6.54
C TRP A 49 -20.53 3.66 -5.20
N SER A 50 -21.17 2.99 -4.26
CA SER A 50 -20.58 2.76 -2.96
C SER A 50 -21.29 1.68 -2.15
N THR A 51 -20.50 0.80 -1.59
CA THR A 51 -20.96 -0.37 -0.86
C THR A 51 -20.25 -0.41 0.49
N SER A 52 -21.01 -0.56 1.57
CA SER A 52 -20.45 -0.69 2.92
C SER A 52 -19.63 -1.98 3.06
N VAL A 53 -18.64 -1.97 3.97
CA VAL A 53 -17.85 -3.17 4.33
C VAL A 53 -17.67 -3.14 5.83
N GLY A 54 -18.54 -3.85 6.54
CA GLY A 54 -18.63 -3.79 8.01
C GLY A 54 -18.37 -2.41 8.59
N SER A 55 -17.45 -2.35 9.54
CA SER A 55 -17.06 -1.10 10.24
C SER A 55 -15.61 -0.64 9.86
N GLY A 56 -15.05 -1.25 8.80
CA GLY A 56 -13.76 -0.89 8.23
C GLY A 56 -12.56 -1.13 9.15
N ILE A 57 -11.86 -0.06 9.43
CA ILE A 57 -10.63 -0.08 10.24
C ILE A 57 -10.71 1.00 11.29
N GLY A 58 -11.75 1.86 11.21
CA GLY A 58 -11.93 2.96 12.15
C GLY A 58 -10.56 3.59 12.36
N ASN A 59 -10.14 3.70 13.61
CA ASN A 59 -8.87 4.37 13.89
C ASN A 59 -7.72 3.43 14.19
N PHE A 60 -7.88 2.18 13.83
CA PHE A 60 -6.78 1.28 14.00
C PHE A 60 -5.81 1.45 12.86
N TYR A 61 -4.54 1.12 13.11
CA TYR A 61 -3.52 1.07 12.06
C TYR A 61 -3.72 -0.14 11.15
N SER A 62 -3.91 0.10 9.86
CA SER A 62 -4.14 -0.97 8.90
C SER A 62 -3.61 -0.58 7.53
N ASN A 63 -3.37 -1.57 6.67
CA ASN A 63 -2.97 -1.28 5.29
C ASN A 63 -3.94 -1.81 4.25
N LEU A 64 -5.10 -2.23 4.73
CA LEU A 64 -6.13 -2.83 3.84
C LEU A 64 -6.65 -1.80 2.86
N HIS A 65 -6.76 -2.20 1.60
CA HIS A 65 -7.31 -1.35 0.55
C HIS A 65 -7.95 -2.34 -0.49
N PRO A 66 -8.74 -1.81 -1.43
CA PRO A 66 -9.47 -2.64 -2.40
C PRO A 66 -8.57 -3.16 -3.48
N ALA A 67 -8.89 -4.31 -4.04
CA ALA A 67 -8.22 -4.87 -5.24
C ALA A 67 -9.24 -5.05 -6.41
N LEU A 68 -8.75 -5.09 -7.66
CA LEU A 68 -9.59 -5.22 -8.81
C LEU A 68 -9.01 -6.22 -9.81
N ALA A 69 -9.82 -7.23 -10.12
CA ALA A 69 -9.53 -8.19 -11.20
C ALA A 69 -10.82 -8.72 -11.86
N ASP A 70 -10.81 -8.72 -13.20
CA ASP A 70 -11.92 -9.25 -14.03
C ASP A 70 -13.28 -8.63 -13.61
N ASN A 71 -13.25 -7.31 -13.48
CA ASN A 71 -14.43 -6.53 -13.25
C ASN A 71 -15.13 -6.88 -11.94
N VAL A 72 -14.35 -7.47 -11.04
CA VAL A 72 -14.76 -7.69 -9.62
C VAL A 72 -13.85 -6.91 -8.65
N VAL A 73 -14.44 -6.28 -7.66
CA VAL A 73 -13.73 -5.51 -6.69
C VAL A 73 -13.71 -6.26 -5.36
N TYR A 74 -12.53 -6.54 -4.82
CA TYR A 74 -12.43 -7.14 -3.50
C TYR A 74 -12.04 -6.15 -2.39
N ALA A 75 -12.59 -6.32 -1.21
CA ALA A 75 -12.37 -5.37 -0.13
C ALA A 75 -12.59 -6.12 1.22
N ALA A 76 -11.97 -5.63 2.31
CA ALA A 76 -12.04 -6.33 3.59
C ALA A 76 -12.11 -5.32 4.68
N ASP A 77 -12.32 -5.81 5.92
CA ASP A 77 -12.21 -4.93 7.09
C ASP A 77 -11.38 -5.56 8.18
N ARG A 78 -11.04 -4.77 9.20
CA ARG A 78 -10.26 -5.24 10.34
C ARG A 78 -10.84 -6.57 10.93
N ALA A 79 -12.13 -6.56 11.22
CA ALA A 79 -12.77 -7.68 11.95
C ALA A 79 -12.76 -9.00 11.18
N GLY A 80 -12.69 -8.95 9.86
CA GLY A 80 -12.50 -10.19 9.10
C GLY A 80 -13.49 -10.35 7.95
N LEU A 81 -14.35 -9.35 7.78
CA LEU A 81 -15.28 -9.33 6.66
C LEU A 81 -14.61 -9.10 5.28
N VAL A 82 -14.99 -9.91 4.31
CA VAL A 82 -14.49 -9.75 2.93
C VAL A 82 -15.66 -9.92 1.98
N LYS A 83 -15.75 -9.06 0.98
CA LYS A 83 -16.75 -9.07 -0.07
C LYS A 83 -16.09 -9.01 -1.46
N ALA A 84 -16.55 -9.87 -2.40
CA ALA A 84 -16.35 -9.64 -3.85
C ALA A 84 -17.46 -8.64 -4.24
N LEU A 85 -17.15 -7.69 -5.13
CA LEU A 85 -18.15 -6.74 -5.66
C LEU A 85 -18.12 -6.72 -7.19
N ASN A 86 -19.29 -6.44 -7.77
CA ASN A 86 -19.36 -6.17 -9.19
C ASN A 86 -18.77 -4.77 -9.32
N ALA A 87 -17.73 -4.67 -10.16
CA ALA A 87 -17.05 -3.38 -10.46
C ALA A 87 -17.97 -2.24 -10.93
N ASP A 88 -18.96 -2.60 -11.75
CA ASP A 88 -19.89 -1.64 -12.39
C ASP A 88 -20.93 -1.01 -11.48
N ASP A 89 -21.44 -1.74 -10.49
CA ASP A 89 -22.44 -1.14 -9.58
C ASP A 89 -22.18 -1.37 -8.10
N GLY A 90 -21.14 -2.16 -7.79
CA GLY A 90 -20.81 -2.54 -6.40
C GLY A 90 -21.91 -3.21 -5.58
N LYS A 91 -22.55 -4.24 -6.16
CA LYS A 91 -23.53 -5.09 -5.49
C LYS A 91 -22.73 -6.33 -5.10
N GLU A 92 -23.06 -6.98 -3.99
CA GLU A 92 -22.32 -8.16 -3.52
C GLU A 92 -22.36 -9.35 -4.47
N ILE A 93 -21.21 -9.92 -4.82
CA ILE A 93 -21.18 -11.24 -5.47
C ILE A 93 -21.02 -12.27 -4.35
N TRP A 94 -20.18 -11.97 -3.35
CA TRP A 94 -20.14 -12.80 -2.15
C TRP A 94 -19.72 -12.09 -0.91
N SER A 95 -19.74 -12.76 0.23
CA SER A 95 -19.54 -12.08 1.49
C SER A 95 -19.32 -13.07 2.61
N VAL A 96 -18.09 -13.10 3.14
CA VAL A 96 -17.72 -14.06 4.19
C VAL A 96 -16.99 -13.39 5.36
N SER A 97 -17.01 -14.04 6.53
CA SER A 97 -16.26 -13.56 7.69
C SER A 97 -15.20 -14.55 8.05
N LEU A 98 -14.03 -14.02 8.44
CA LEU A 98 -12.91 -14.84 8.89
C LEU A 98 -12.70 -14.72 10.39
N ALA A 99 -13.58 -13.96 11.05
CA ALA A 99 -13.51 -13.77 12.50
C ALA A 99 -13.49 -15.11 13.25
N GLU A 100 -12.70 -15.18 14.32
CA GLU A 100 -12.54 -16.44 15.07
C GLU A 100 -13.55 -16.49 16.24
N LYS A 101 -13.59 -17.64 16.91
CA LYS A 101 -14.45 -17.86 18.11
C LYS A 101 -13.95 -17.13 19.39
N ASP A 102 -14.91 -16.56 20.13
CA ASP A 102 -14.58 -15.76 21.33
C ASP A 102 -15.27 -16.37 22.54
N GLY A 103 -16.01 -15.52 23.24
CA GLY A 103 -16.89 -15.95 24.30
C GLY A 103 -18.25 -16.40 23.79
N TRP A 104 -19.29 -16.06 24.56
CA TRP A 104 -20.60 -16.61 24.24
C TRP A 104 -21.12 -15.98 22.98
N PHE A 105 -20.98 -14.66 22.88
CA PHE A 105 -21.75 -13.94 21.87
C PHE A 105 -20.97 -13.12 20.83
N SER A 106 -19.82 -12.57 21.19
CA SER A 106 -19.04 -11.84 20.14
C SER A 106 -18.16 -12.80 19.34
N LYS A 107 -17.64 -12.36 18.20
CA LYS A 107 -16.51 -13.05 17.57
C LYS A 107 -15.24 -12.25 17.89
N GLU A 108 -14.10 -12.90 17.85
CA GLU A 108 -12.86 -12.11 17.94
C GLU A 108 -12.38 -11.70 16.52
N PRO A 109 -12.02 -10.40 16.37
CA PRO A 109 -11.58 -9.83 15.09
C PRO A 109 -10.42 -10.62 14.50
N ALA A 110 -10.45 -10.90 13.20
CA ALA A 110 -9.36 -11.58 12.53
C ALA A 110 -8.11 -10.65 12.42
N LEU A 111 -8.36 -9.33 12.52
CA LEU A 111 -7.28 -8.32 12.46
C LEU A 111 -6.58 -8.36 11.06
N LEU A 112 -7.37 -8.31 10.00
CA LEU A 112 -6.74 -8.31 8.69
C LEU A 112 -6.08 -6.94 8.48
N SER A 113 -4.88 -6.97 7.89
CA SER A 113 -3.97 -5.80 7.83
C SER A 113 -3.31 -5.60 6.48
N GLY A 114 -2.92 -6.66 5.79
CA GLY A 114 -2.23 -6.50 4.55
C GLY A 114 -3.03 -7.05 3.43
N GLY A 115 -3.48 -6.19 2.54
CA GLY A 115 -4.22 -6.59 1.37
C GLY A 115 -5.19 -5.52 0.94
N VAL A 116 -6.05 -5.88 -0.01
CA VAL A 116 -6.10 -7.26 -0.48
C VAL A 116 -5.39 -7.38 -1.81
N THR A 117 -4.99 -8.58 -2.12
CA THR A 117 -4.29 -8.85 -3.35
C THR A 117 -5.01 -10.03 -4.01
N VAL A 118 -5.33 -9.88 -5.29
CA VAL A 118 -5.93 -10.98 -6.05
C VAL A 118 -5.17 -11.34 -7.32
N SER A 119 -4.86 -12.62 -7.48
CA SER A 119 -4.23 -13.14 -8.66
C SER A 119 -4.67 -14.59 -8.86
N GLY A 120 -5.19 -14.86 -10.07
CA GLY A 120 -5.56 -16.20 -10.52
C GLY A 120 -6.56 -16.93 -9.62
N GLY A 121 -7.68 -16.29 -9.35
CA GLY A 121 -8.75 -16.94 -8.60
C GLY A 121 -8.50 -17.18 -7.10
N HIS A 122 -7.42 -16.63 -6.56
CA HIS A 122 -7.29 -16.51 -5.12
C HIS A 122 -7.30 -15.05 -4.73
N VAL A 123 -8.03 -14.77 -3.66
CA VAL A 123 -7.95 -13.50 -2.93
C VAL A 123 -7.00 -13.70 -1.74
N TYR A 124 -6.00 -12.82 -1.62
CA TYR A 124 -5.01 -12.91 -0.53
C TYR A 124 -5.10 -11.79 0.50
N ILE A 125 -5.00 -12.19 1.77
CA ILE A 125 -4.99 -11.26 2.90
C ILE A 125 -4.09 -11.76 4.02
N GLY A 126 -3.32 -10.80 4.59
CA GLY A 126 -2.47 -11.04 5.74
C GLY A 126 -3.10 -10.44 7.00
N SER A 127 -2.71 -10.94 8.17
CA SER A 127 -3.29 -10.40 9.38
C SER A 127 -2.27 -10.10 10.44
N GLU A 128 -2.69 -9.36 11.45
CA GLU A 128 -1.87 -9.12 12.62
C GLU A 128 -1.78 -10.33 13.57
N LYS A 129 -2.38 -11.44 13.21
CA LYS A 129 -2.22 -12.64 13.99
C LYS A 129 -1.30 -13.56 13.21
N ALA A 130 -0.67 -13.05 12.16
CA ALA A 130 0.39 -13.83 11.45
C ALA A 130 -0.19 -15.00 10.67
N GLN A 131 -1.43 -14.83 10.25
CA GLN A 131 -2.08 -15.68 9.29
C GLN A 131 -2.05 -15.01 7.94
N VAL A 132 -1.86 -15.82 6.90
CA VAL A 132 -2.24 -15.46 5.52
C VAL A 132 -3.41 -16.35 5.00
N TYR A 133 -4.43 -15.70 4.46
CA TYR A 133 -5.56 -16.37 3.91
C TYR A 133 -5.50 -16.38 2.39
N ALA A 134 -5.87 -17.50 1.78
CA ALA A 134 -6.24 -17.51 0.36
C ALA A 134 -7.74 -17.84 0.24
N LEU A 135 -8.59 -16.90 -0.19
CA LEU A 135 -9.98 -17.19 -0.54
C LEU A 135 -10.18 -17.35 -2.06
N ASN A 136 -11.05 -18.29 -2.50
CA ASN A 136 -11.34 -18.50 -3.93
C ASN A 136 -12.21 -17.37 -4.39
N THR A 137 -11.96 -16.90 -5.60
CA THR A 137 -12.71 -15.80 -6.18
C THR A 137 -14.17 -16.12 -6.49
N SER A 138 -14.41 -17.39 -6.86
CA SER A 138 -15.75 -17.94 -7.21
C SER A 138 -16.77 -17.80 -6.08
N ASP A 139 -16.53 -18.46 -4.95
CA ASP A 139 -17.48 -18.43 -3.83
C ASP A 139 -17.05 -17.65 -2.56
N GLY A 140 -15.75 -17.35 -2.45
CA GLY A 140 -15.18 -16.78 -1.21
C GLY A 140 -14.93 -17.78 -0.08
N THR A 141 -14.60 -19.00 -0.44
CA THR A 141 -14.23 -20.01 0.52
C THR A 141 -12.70 -20.09 0.72
N VAL A 142 -12.30 -20.52 1.91
CA VAL A 142 -10.90 -20.73 2.21
C VAL A 142 -10.30 -21.81 1.31
N ALA A 143 -9.44 -21.39 0.37
CA ALA A 143 -8.57 -22.32 -0.34
C ALA A 143 -7.47 -22.84 0.58
N TRP A 144 -6.86 -21.91 1.33
CA TRP A 144 -5.95 -22.27 2.44
C TRP A 144 -5.73 -21.09 3.38
N GLN A 145 -5.06 -21.39 4.47
CA GLN A 145 -4.75 -20.44 5.45
C GLN A 145 -3.47 -20.96 6.05
N THR A 146 -2.45 -20.12 6.16
CA THR A 146 -1.14 -20.49 6.69
C THR A 146 -0.66 -19.53 7.79
N LYS A 147 0.20 -20.08 8.63
CA LYS A 147 0.74 -19.39 9.74
C LYS A 147 2.12 -18.93 9.25
N VAL A 148 2.24 -17.65 9.00
CA VAL A 148 3.54 -17.10 8.69
C VAL A 148 4.39 -16.71 9.91
N ALA A 149 5.59 -16.22 9.63
CA ALA A 149 6.59 -16.07 10.68
C ALA A 149 6.48 -14.84 11.59
N GLY A 150 5.66 -13.86 11.21
CA GLY A 150 5.34 -12.71 12.05
C GLY A 150 4.12 -12.04 11.42
N GLU A 151 3.70 -10.88 11.92
CA GLU A 151 2.52 -10.22 11.33
C GLU A 151 2.72 -9.84 9.88
N ALA A 152 1.62 -9.90 9.16
CA ALA A 152 1.57 -9.57 7.75
C ALA A 152 0.74 -8.31 7.58
N LEU A 153 1.43 -7.18 7.68
CA LEU A 153 0.80 -5.88 7.58
C LEU A 153 0.88 -5.32 6.16
N SER A 154 1.55 -6.03 5.27
CA SER A 154 1.73 -5.53 3.90
C SER A 154 0.98 -6.45 2.95
N ARG A 155 0.50 -5.94 1.81
CA ARG A 155 -0.16 -6.83 0.84
C ARG A 155 0.72 -8.00 0.43
N PRO A 156 0.14 -9.20 0.36
CA PRO A 156 0.89 -10.27 -0.24
C PRO A 156 1.12 -9.98 -1.72
N VAL A 157 2.26 -10.43 -2.23
CA VAL A 157 2.63 -10.17 -3.58
C VAL A 157 2.87 -11.48 -4.35
N VAL A 158 2.20 -11.59 -5.50
CA VAL A 158 2.22 -12.82 -6.31
C VAL A 158 3.24 -12.79 -7.46
N SER A 159 4.14 -13.76 -7.49
CA SER A 159 5.06 -13.93 -8.59
C SER A 159 4.94 -15.36 -9.04
N ASP A 160 4.62 -15.61 -10.32
CA ASP A 160 4.45 -17.00 -10.83
C ASP A 160 3.48 -17.88 -9.99
N GLY A 161 4.00 -18.92 -9.34
CA GLY A 161 3.22 -19.76 -8.41
C GLY A 161 3.71 -19.61 -6.97
N LEU A 162 3.98 -18.35 -6.60
CA LEU A 162 4.58 -17.96 -5.31
C LEU A 162 3.86 -16.74 -4.77
N VAL A 163 3.41 -16.82 -3.52
CA VAL A 163 2.92 -15.64 -2.79
C VAL A 163 3.99 -15.21 -1.78
N LEU A 164 4.51 -14.00 -1.98
CA LEU A 164 5.54 -13.48 -1.09
C LEU A 164 4.95 -12.61 0.02
N ILE A 165 5.50 -12.79 1.22
CA ILE A 165 5.03 -12.17 2.44
C ILE A 165 6.24 -11.57 3.16
N HIS A 166 6.21 -10.26 3.36
CA HIS A 166 7.26 -9.60 4.13
C HIS A 166 6.62 -9.42 5.49
N THR A 167 7.21 -10.00 6.52
CA THR A 167 6.61 -9.97 7.84
C THR A 167 7.16 -8.81 8.65
N SER A 168 6.47 -8.45 9.72
CA SER A 168 6.94 -7.34 10.54
C SER A 168 8.20 -7.63 11.31
N ASN A 169 8.61 -8.89 11.37
CA ASN A 169 9.86 -9.14 12.06
C ASN A 169 11.04 -9.44 11.14
N GLY A 170 11.04 -8.87 9.95
CA GLY A 170 12.18 -8.97 9.05
C GLY A 170 12.38 -10.30 8.31
N GLN A 171 11.31 -11.05 8.02
CA GLN A 171 11.42 -12.30 7.29
C GLN A 171 10.75 -12.16 5.96
N LEU A 172 11.32 -12.76 4.93
CA LEU A 172 10.56 -12.85 3.69
C LEU A 172 10.15 -14.31 3.50
N GLN A 173 8.91 -14.58 3.17
CA GLN A 173 8.49 -15.97 3.02
C GLN A 173 7.78 -16.14 1.74
N ALA A 174 8.05 -17.26 1.08
CA ALA A 174 7.35 -17.57 -0.16
C ALA A 174 6.46 -18.72 0.16
N LEU A 175 5.17 -18.54 -0.05
CA LEU A 175 4.23 -19.61 0.12
C LEU A 175 3.88 -20.11 -1.28
N ASN A 176 3.67 -21.42 -1.40
CA ASN A 176 3.12 -21.98 -2.63
C ASN A 176 1.66 -21.53 -2.83
N GLU A 177 1.36 -21.10 -4.05
CA GLU A 177 0.06 -20.56 -4.44
C GLU A 177 -1.11 -21.57 -4.32
N ALA A 178 -0.81 -22.83 -4.65
CA ALA A 178 -1.75 -23.95 -4.63
C ALA A 178 -2.23 -24.33 -3.22
N ASP A 179 -1.30 -24.70 -2.32
CA ASP A 179 -1.66 -25.19 -0.98
C ASP A 179 -1.26 -24.26 0.20
N GLY A 180 -0.44 -23.26 -0.08
CA GLY A 180 0.00 -22.39 0.97
C GLY A 180 1.17 -22.91 1.78
N ALA A 181 1.75 -24.04 1.43
CA ALA A 181 2.99 -24.45 2.13
C ALA A 181 4.16 -23.45 1.95
N VAL A 182 4.95 -23.33 3.00
CA VAL A 182 6.05 -22.42 3.01
C VAL A 182 7.15 -23.09 2.23
N LYS A 183 7.45 -22.53 1.05
CA LYS A 183 8.55 -23.02 0.22
C LYS A 183 9.91 -22.56 0.74
N TRP A 184 10.09 -21.27 1.03
CA TRP A 184 11.30 -20.81 1.78
C TRP A 184 11.06 -19.61 2.69
N THR A 185 12.05 -19.35 3.55
CA THR A 185 12.01 -18.28 4.50
C THR A 185 13.37 -17.61 4.43
N VAL A 186 13.41 -16.28 4.31
CA VAL A 186 14.68 -15.61 4.42
C VAL A 186 14.66 -14.56 5.50
N ASN A 187 15.78 -14.50 6.21
CA ASN A 187 15.96 -13.56 7.26
C ASN A 187 16.74 -12.30 6.77
N LEU A 188 16.01 -11.18 6.70
CA LEU A 188 16.60 -9.88 6.35
C LEU A 188 17.30 -9.18 7.53
N ASP A 189 17.07 -9.71 8.74
CA ASP A 189 17.60 -9.31 10.08
C ASP A 189 16.57 -8.49 10.88
N MET A 190 16.24 -8.97 12.09
CA MET A 190 15.07 -8.46 12.90
C MET A 190 15.17 -6.95 13.25
N PRO A 191 14.12 -6.13 12.88
CA PRO A 191 14.14 -4.64 13.10
C PRO A 191 14.12 -4.30 14.60
N SER A 192 14.92 -3.30 14.98
CA SER A 192 14.92 -2.81 16.38
C SER A 192 13.46 -2.52 16.93
N LEU A 193 12.71 -1.76 16.09
CA LEU A 193 11.26 -1.45 16.18
C LEU A 193 10.54 -1.71 14.85
N SER A 194 9.26 -2.09 14.88
CA SER A 194 8.38 -1.90 13.74
C SER A 194 7.77 -0.54 13.68
N LEU A 195 7.61 -0.03 12.47
CA LEU A 195 7.17 1.35 12.23
C LEU A 195 5.95 1.31 11.35
N ARG A 196 5.21 2.40 11.32
CA ARG A 196 4.12 2.49 10.36
C ARG A 196 4.67 2.59 8.95
N GLY A 197 3.93 2.01 8.02
CA GLY A 197 4.25 2.07 6.60
C GLY A 197 4.21 0.73 5.92
N GLU A 198 3.52 0.64 4.80
CA GLU A 198 3.60 -0.57 4.03
C GLU A 198 5.04 -0.95 3.72
N SER A 199 5.33 -2.25 3.57
CA SER A 199 6.58 -2.72 3.08
C SER A 199 6.34 -3.99 2.27
N ALA A 200 5.55 -3.93 1.22
CA ALA A 200 5.45 -5.08 0.30
C ALA A 200 6.76 -5.34 -0.39
N PRO A 201 7.05 -6.59 -0.70
CA PRO A 201 8.11 -6.80 -1.70
C PRO A 201 7.66 -6.35 -3.08
N THR A 202 8.63 -6.21 -3.99
CA THR A 202 8.40 -6.05 -5.41
C THR A 202 9.34 -7.03 -6.13
N THR A 203 9.06 -7.32 -7.39
CA THR A 203 9.79 -8.40 -8.13
C THR A 203 10.36 -7.83 -9.39
N ALA A 204 11.51 -8.34 -9.78
CA ALA A 204 12.07 -7.95 -11.09
C ALA A 204 13.04 -9.01 -11.53
N PHE A 205 12.78 -9.59 -12.70
CA PHE A 205 13.75 -10.52 -13.33
C PHE A 205 14.13 -11.61 -12.38
N GLY A 206 13.14 -12.17 -11.70
CA GLY A 206 13.41 -13.37 -10.86
C GLY A 206 13.88 -13.09 -9.43
N ALA A 207 13.84 -11.81 -9.05
CA ALA A 207 14.30 -11.37 -7.74
C ALA A 207 13.15 -10.65 -7.00
N ALA A 208 13.09 -10.90 -5.72
CA ALA A 208 12.22 -10.13 -4.87
C ALA A 208 13.15 -9.06 -4.37
N VAL A 209 12.66 -7.83 -4.43
CA VAL A 209 13.42 -6.70 -3.89
C VAL A 209 12.60 -6.20 -2.69
N VAL A 210 13.23 -6.11 -1.51
CA VAL A 210 12.47 -5.68 -0.35
C VAL A 210 13.23 -4.69 0.56
N GLY A 211 12.52 -3.66 1.02
CA GLY A 211 13.07 -2.70 1.97
C GLY A 211 12.74 -3.18 3.37
N GLY A 212 12.54 -2.27 4.30
CA GLY A 212 12.04 -2.70 5.61
C GLY A 212 12.40 -1.70 6.66
N ASP A 213 12.05 -1.98 7.92
CA ASP A 213 12.33 -1.04 9.02
C ASP A 213 13.78 -1.10 9.54
N ASN A 214 14.56 -2.08 9.04
CA ASN A 214 15.95 -2.35 9.46
C ASN A 214 16.96 -1.35 8.86
N GLY A 215 16.52 -0.54 7.89
CA GLY A 215 17.39 0.42 7.18
C GLY A 215 18.09 -0.20 5.99
N ARG A 216 17.80 -1.47 5.69
CA ARG A 216 18.32 -2.16 4.47
C ARG A 216 17.35 -2.32 3.31
N VAL A 217 17.90 -2.44 2.11
CA VAL A 217 17.14 -3.04 1.01
C VAL A 217 17.85 -4.26 0.50
N SER A 218 17.12 -5.35 0.25
CA SER A 218 17.72 -6.59 -0.18
C SER A 218 17.12 -7.14 -1.42
N ALA A 219 17.94 -7.78 -2.22
CA ALA A 219 17.43 -8.53 -3.38
C ALA A 219 17.63 -10.03 -3.21
N VAL A 220 16.54 -10.78 -3.34
CA VAL A 220 16.66 -12.22 -3.17
C VAL A 220 16.07 -12.94 -4.36
N LEU A 221 16.78 -14.00 -4.78
CA LEU A 221 16.37 -14.73 -5.94
C LEU A 221 15.15 -15.58 -5.56
N MET A 222 14.14 -15.61 -6.39
CA MET A 222 12.93 -16.21 -5.93
C MET A 222 12.85 -17.72 -6.03
N GLU A 223 13.90 -18.38 -6.51
CA GLU A 223 13.83 -19.82 -6.66
C GLU A 223 13.85 -20.53 -5.30
N GLN A 224 14.95 -20.34 -4.56
CA GLN A 224 15.13 -20.89 -3.21
C GLN A 224 15.54 -19.83 -2.17
N GLY A 225 15.25 -18.57 -2.48
CA GLY A 225 15.46 -17.48 -1.57
C GLY A 225 16.92 -17.19 -1.37
N GLN A 226 17.69 -17.18 -2.42
CA GLN A 226 19.12 -16.92 -2.22
C GLN A 226 19.35 -15.40 -2.33
N MET A 227 20.17 -14.91 -1.41
CA MET A 227 20.50 -13.54 -1.29
C MET A 227 21.43 -13.09 -2.38
N ILE A 228 20.94 -12.18 -3.22
CA ILE A 228 21.76 -11.53 -4.21
C ILE A 228 22.57 -10.35 -3.65
N TRP A 229 21.91 -9.28 -3.17
CA TRP A 229 22.64 -8.20 -2.51
C TRP A 229 21.82 -7.62 -1.39
N GLN A 230 22.49 -6.86 -0.53
CA GLN A 230 21.91 -6.15 0.60
C GLN A 230 22.60 -4.84 0.80
N GLN A 231 21.83 -3.76 0.81
CA GLN A 231 22.46 -2.47 0.89
C GLN A 231 21.86 -1.67 2.01
N ARG A 232 22.73 -1.15 2.85
CA ARG A 232 22.26 -0.33 3.93
C ARG A 232 21.98 1.07 3.34
N ILE A 233 20.74 1.57 3.48
CA ILE A 233 20.38 2.90 2.96
C ILE A 233 20.20 3.96 4.06
N SER A 234 20.35 3.58 5.31
CA SER A 234 20.32 4.47 6.45
C SER A 234 20.72 3.64 7.69
N GLN A 235 20.87 4.26 8.84
CA GLN A 235 21.20 3.49 10.04
C GLN A 235 19.98 2.87 10.68
N ALA A 236 20.19 2.00 11.65
CA ALA A 236 19.12 1.22 12.26
C ALA A 236 18.21 1.99 13.16
N THR A 237 16.92 1.72 13.03
CA THR A 237 15.87 2.40 13.78
C THR A 237 15.90 2.04 15.24
N GLY A 238 15.97 3.01 16.14
CA GLY A 238 16.34 4.37 15.88
C GLY A 238 16.97 4.75 17.19
N SER A 239 18.15 5.37 17.19
CA SER A 239 18.83 5.85 16.02
C SER A 239 18.28 7.19 15.61
N THR A 240 17.07 7.47 16.04
CA THR A 240 16.50 8.79 15.95
C THR A 240 15.17 8.68 16.59
N GLU A 241 14.56 9.81 16.89
CA GLU A 241 13.24 9.77 17.45
C GLU A 241 12.30 9.43 16.37
N ILE A 242 11.26 8.74 16.71
CA ILE A 242 10.23 8.42 15.75
C ILE A 242 9.23 9.52 15.94
N ASP A 243 8.87 10.21 14.86
CA ASP A 243 7.87 11.28 14.89
C ASP A 243 6.47 10.72 14.58
N ARG A 244 5.42 11.22 15.21
CA ARG A 244 4.06 10.67 15.00
C ARG A 244 3.49 10.80 13.64
N LEU A 245 4.03 11.70 12.83
CA LEU A 245 3.57 11.79 11.41
C LEU A 245 4.34 10.85 10.43
N SER A 246 5.41 10.20 10.87
CA SER A 246 6.07 9.18 10.07
C SER A 246 5.15 8.04 9.78
N ASP A 247 5.13 7.65 8.51
CA ASP A 247 4.34 6.54 8.06
C ASP A 247 4.89 6.15 6.68
N VAL A 248 6.15 5.71 6.65
CA VAL A 248 6.89 5.63 5.40
C VAL A 248 6.61 4.33 4.68
N ASP A 249 6.23 4.41 3.45
CA ASP A 249 5.97 3.20 2.75
C ASP A 249 7.29 2.76 2.11
N THR A 250 7.90 1.68 2.59
CA THR A 250 9.24 1.27 2.15
C THR A 250 9.22 0.26 0.99
N THR A 251 8.06 0.08 0.37
CA THR A 251 7.98 -0.80 -0.80
C THR A 251 8.85 -0.22 -1.90
N PRO A 252 9.79 -1.03 -2.41
CA PRO A 252 10.66 -0.55 -3.46
C PRO A 252 9.96 -0.49 -4.81
N VAL A 253 10.37 0.42 -5.69
CA VAL A 253 9.81 0.45 -7.03
C VAL A 253 10.99 0.34 -7.98
N VAL A 254 10.92 -0.57 -8.93
CA VAL A 254 12.02 -0.77 -9.86
C VAL A 254 11.60 -0.26 -11.24
N VAL A 255 12.33 0.72 -11.74
CA VAL A 255 12.06 1.23 -13.07
C VAL A 255 13.38 1.34 -13.83
N ASN A 256 13.42 0.71 -15.01
CA ASN A 256 14.58 0.63 -15.89
C ASN A 256 15.93 0.54 -15.23
N GLY A 257 16.19 -0.60 -14.60
CA GLY A 257 17.47 -0.75 -13.93
C GLY A 257 17.75 0.06 -12.65
N VAL A 258 16.77 0.81 -12.12
CA VAL A 258 17.00 1.55 -10.84
C VAL A 258 16.01 1.14 -9.77
N VAL A 259 16.47 0.97 -8.55
CA VAL A 259 15.56 0.64 -7.47
C VAL A 259 15.28 1.94 -6.75
N PHE A 260 14.02 2.32 -6.56
CA PHE A 260 13.75 3.52 -5.78
C PHE A 260 13.22 3.07 -4.45
N ALA A 261 13.74 3.62 -3.35
CA ALA A 261 13.25 3.13 -2.06
C ALA A 261 13.34 4.24 -1.03
N LEU A 262 12.27 4.38 -0.25
CA LEU A 262 12.27 5.26 0.88
C LEU A 262 12.95 4.59 2.04
N ALA A 263 13.86 5.24 2.72
CA ALA A 263 14.34 4.66 3.97
C ALA A 263 13.29 5.05 5.00
N TYR A 264 13.29 4.41 6.15
CA TYR A 264 12.31 4.66 7.22
C TYR A 264 12.40 6.12 7.75
N ASN A 265 13.54 6.80 7.58
CA ASN A 265 13.67 8.19 8.02
C ASN A 265 13.01 9.16 7.00
N GLY A 266 12.42 8.64 5.93
CA GLY A 266 11.76 9.54 5.01
C GLY A 266 12.59 9.97 3.80
N ASN A 267 13.81 9.44 3.61
CA ASN A 267 14.66 9.82 2.51
C ASN A 267 14.41 8.92 1.32
N LEU A 268 14.39 9.53 0.15
CA LEU A 268 14.31 8.79 -1.09
C LEU A 268 15.72 8.33 -1.53
N THR A 269 15.85 7.08 -1.96
CA THR A 269 17.15 6.61 -2.39
C THR A 269 16.97 5.91 -3.68
N ALA A 270 17.99 6.01 -4.53
CA ALA A 270 18.00 5.28 -5.78
C ALA A 270 19.15 4.29 -5.80
N LEU A 271 18.88 3.05 -6.10
CA LEU A 271 19.96 2.04 -6.20
C LEU A 271 20.05 1.42 -7.57
N ASP A 272 21.26 1.07 -7.96
CA ASP A 272 21.48 0.26 -9.17
C ASP A 272 20.95 -1.14 -8.93
N LEU A 273 20.02 -1.58 -9.78
CA LEU A 273 19.34 -2.85 -9.63
C LEU A 273 20.28 -4.03 -9.61
N ARG A 274 21.39 -3.91 -10.33
CA ARG A 274 22.35 -5.01 -10.48
C ARG A 274 23.13 -5.27 -9.20
N SER A 275 23.75 -4.24 -8.63
CA SER A 275 24.62 -4.43 -7.45
C SER A 275 24.03 -3.89 -6.15
N GLY A 276 22.89 -3.22 -6.23
CA GLY A 276 22.34 -2.57 -5.08
C GLY A 276 23.10 -1.34 -4.62
N GLN A 277 24.13 -0.95 -5.35
CA GLN A 277 24.92 0.19 -4.92
C GLN A 277 24.18 1.52 -5.01
N ILE A 278 24.29 2.32 -3.98
CA ILE A 278 23.59 3.59 -3.88
C ILE A 278 24.02 4.56 -4.99
N MET A 279 23.08 5.01 -5.82
CA MET A 279 23.31 6.14 -6.77
C MET A 279 23.21 7.52 -6.12
N TRP A 280 22.06 7.77 -5.47
CA TRP A 280 21.88 9.03 -4.78
C TRP A 280 20.85 8.93 -3.67
N LYS A 281 20.80 9.97 -2.86
CA LYS A 281 20.00 10.00 -1.68
C LYS A 281 19.43 11.42 -1.51
N ARG A 282 18.12 11.57 -1.52
CA ARG A 282 17.53 12.85 -1.33
C ARG A 282 17.13 12.98 0.09
N GLU A 283 18.01 13.63 0.84
CA GLU A 283 17.81 13.76 2.31
C GLU A 283 16.65 14.73 2.66
N LEU A 284 15.51 14.43 2.03
CA LEU A 284 14.26 15.08 2.29
C LEU A 284 13.80 14.83 3.75
N GLY A 285 13.83 13.56 4.20
CA GLY A 285 13.65 13.23 5.67
C GLY A 285 12.16 13.25 6.04
N SER A 286 11.34 13.47 5.01
CA SER A 286 10.00 13.74 5.28
C SER A 286 9.07 12.97 4.39
N VAL A 287 9.54 12.09 3.51
CA VAL A 287 8.57 11.48 2.62
C VAL A 287 7.80 10.23 3.09
N ASN A 288 6.47 10.24 2.99
CA ASN A 288 5.68 9.07 3.29
C ASN A 288 5.38 8.14 2.10
N ASP A 289 4.98 8.65 0.95
CA ASP A 289 4.64 7.77 -0.17
C ASP A 289 5.17 8.38 -1.46
N PHE A 290 5.46 7.58 -2.47
CA PHE A 290 5.79 8.12 -3.78
C PHE A 290 5.33 7.11 -4.78
N ILE A 291 5.19 7.55 -6.04
CA ILE A 291 4.92 6.69 -7.17
C ILE A 291 5.85 7.16 -8.25
N VAL A 292 6.14 6.28 -9.19
CA VAL A 292 6.85 6.69 -10.40
C VAL A 292 5.92 6.69 -11.61
N ASP A 293 6.06 7.61 -12.57
CA ASP A 293 5.50 7.34 -13.93
C ASP A 293 6.10 8.09 -15.10
N GLY A 294 6.78 7.33 -15.96
CA GLY A 294 7.33 7.91 -17.16
C GLY A 294 8.69 8.42 -16.80
N ASN A 295 8.79 9.74 -16.70
CA ASN A 295 10.04 10.38 -16.33
C ASN A 295 9.83 11.27 -15.10
N ARG A 296 8.96 10.85 -14.19
CA ARG A 296 8.57 11.66 -13.03
C ARG A 296 8.39 10.79 -11.81
N ILE A 297 8.71 11.31 -10.65
CA ILE A 297 8.34 10.72 -9.42
C ILE A 297 7.40 11.71 -8.74
N TYR A 298 6.28 11.22 -8.20
CA TYR A 298 5.35 12.08 -7.48
C TYR A 298 5.35 11.64 -6.06
N LEU A 299 5.35 12.58 -5.11
CA LEU A 299 5.36 12.10 -3.74
C LEU A 299 4.62 12.95 -2.74
N VAL A 300 4.37 12.41 -1.57
CA VAL A 300 3.68 13.16 -0.59
C VAL A 300 4.50 13.15 0.68
N ASP A 301 4.83 14.31 1.20
CA ASP A 301 5.65 14.25 2.37
C ASP A 301 4.88 14.19 3.67
N GLN A 302 5.58 14.10 4.76
CA GLN A 302 4.95 13.91 6.06
C GLN A 302 4.06 15.03 6.46
N ASN A 303 4.37 16.25 6.05
CA ASN A 303 3.50 17.44 6.25
C ASN A 303 2.32 17.58 5.31
N ASP A 304 2.22 16.64 4.38
CA ASP A 304 1.25 16.68 3.28
C ASP A 304 1.55 17.63 2.14
N ARG A 305 2.81 18.08 2.05
CA ARG A 305 3.30 18.79 0.83
C ARG A 305 3.38 17.80 -0.29
N VAL A 306 2.95 18.16 -1.47
CA VAL A 306 2.98 17.27 -2.64
C VAL A 306 4.03 17.82 -3.58
N MET A 307 4.58 16.96 -4.39
CA MET A 307 5.77 17.33 -5.08
C MET A 307 6.08 16.34 -6.19
N ALA A 308 6.55 16.87 -7.32
CA ALA A 308 7.06 16.05 -8.45
C ALA A 308 8.58 16.19 -8.62
N LEU A 309 9.26 15.11 -9.05
CA LEU A 309 10.69 15.15 -9.25
C LEU A 309 11.08 14.44 -10.53
N THR A 310 12.32 14.67 -10.95
CA THR A 310 12.80 13.99 -12.09
C THR A 310 13.23 12.59 -11.72
N ILE A 311 12.96 11.67 -12.62
CA ILE A 311 13.23 10.29 -12.34
C ILE A 311 14.70 9.97 -12.25
N ASP A 312 15.56 10.60 -13.02
CA ASP A 312 16.95 10.14 -13.05
C ASP A 312 17.69 10.61 -11.85
N GLY A 313 17.41 11.87 -11.50
CA GLY A 313 18.18 12.54 -10.49
C GLY A 313 17.39 12.92 -9.26
N GLY A 314 16.07 12.81 -9.35
CA GLY A 314 15.27 13.17 -8.19
C GLY A 314 15.41 14.64 -7.82
N VAL A 315 15.32 15.50 -8.82
CA VAL A 315 15.32 16.94 -8.55
C VAL A 315 13.90 17.46 -8.66
N THR A 316 13.52 18.29 -7.71
CA THR A 316 12.18 18.75 -7.55
C THR A 316 11.86 19.71 -8.67
N LEU A 317 10.69 19.51 -9.30
CA LEU A 317 10.26 20.36 -10.40
C LEU A 317 9.19 21.30 -9.91
N TRP A 318 8.31 20.80 -9.06
CA TRP A 318 7.34 21.65 -8.44
C TRP A 318 6.90 21.14 -7.09
N THR A 319 6.28 22.01 -6.35
CA THR A 319 5.89 21.77 -5.03
C THR A 319 4.49 22.36 -4.86
N GLN A 320 3.66 21.67 -4.09
CA GLN A 320 2.26 22.10 -3.84
C GLN A 320 1.88 21.88 -2.38
N SER A 321 1.74 22.96 -1.61
CA SER A 321 1.61 22.89 -0.14
C SER A 321 0.23 23.28 0.35
N ASP A 322 -0.70 23.38 -0.56
CA ASP A 322 -2.00 23.86 -0.11
C ASP A 322 -2.73 22.85 0.77
N LEU A 323 -2.41 21.56 0.61
CA LEU A 323 -3.01 20.53 1.46
C LEU A 323 -2.31 20.33 2.83
N LEU A 324 -1.27 21.12 3.11
CA LEU A 324 -0.48 20.96 4.30
C LEU A 324 -1.32 20.60 5.51
N HIS A 325 -1.06 19.41 6.08
CA HIS A 325 -1.59 19.06 7.37
C HIS A 325 -3.00 18.70 7.35
N ARG A 326 -3.63 18.69 6.17
CA ARG A 326 -4.89 17.89 5.98
C ARG A 326 -4.33 16.51 6.01
N LEU A 327 -5.03 15.39 5.94
CA LEU A 327 -4.05 14.24 6.13
C LEU A 327 -4.01 13.27 5.01
N LEU A 328 -3.05 13.42 4.10
CA LEU A 328 -3.11 12.76 2.80
C LEU A 328 -2.86 11.26 2.83
N THR A 329 -3.53 10.58 1.92
CA THR A 329 -3.25 9.22 1.64
C THR A 329 -2.03 9.23 0.73
N SER A 330 -1.59 8.05 0.28
CA SER A 330 -0.65 8.07 -0.75
C SER A 330 -1.31 8.45 -2.07
N PRO A 331 -0.50 8.89 -3.05
CA PRO A 331 -1.03 9.44 -4.28
C PRO A 331 -1.17 8.40 -5.35
N VAL A 332 -1.99 8.67 -6.35
CA VAL A 332 -2.13 7.73 -7.44
C VAL A 332 -2.37 8.50 -8.75
N LEU A 333 -2.00 7.92 -9.89
CA LEU A 333 -2.25 8.48 -11.22
C LEU A 333 -3.45 7.86 -11.92
N TYR A 334 -4.43 8.70 -12.21
CA TYR A 334 -5.63 8.24 -12.92
C TYR A 334 -6.06 9.27 -13.98
N ASN A 335 -6.12 8.82 -15.25
CA ASN A 335 -6.39 9.75 -16.37
C ASN A 335 -5.46 10.96 -16.38
N GLY A 336 -4.16 10.68 -16.26
CA GLY A 336 -3.14 11.73 -16.29
C GLY A 336 -3.19 12.80 -15.20
N ASN A 337 -4.04 12.63 -14.17
CA ASN A 337 -3.97 13.50 -13.01
C ASN A 337 -3.51 12.73 -11.76
N LEU A 338 -2.95 13.47 -10.81
CA LEU A 338 -2.60 12.91 -9.52
C LEU A 338 -3.82 13.03 -8.64
N VAL A 339 -4.18 11.96 -7.94
CA VAL A 339 -5.31 12.02 -6.98
C VAL A 339 -4.82 11.68 -5.57
N VAL A 340 -5.26 12.45 -4.57
CA VAL A 340 -5.09 12.11 -3.18
C VAL A 340 -6.35 12.30 -2.31
N GLY A 341 -6.46 11.50 -1.23
CA GLY A 341 -7.55 11.66 -0.31
C GLY A 341 -7.05 12.21 0.98
N ASP A 342 -7.87 12.91 1.73
CA ASP A 342 -7.41 13.36 2.99
C ASP A 342 -8.36 12.77 4.01
N SER A 343 -8.05 12.98 5.28
CA SER A 343 -8.79 12.33 6.32
C SER A 343 -10.14 13.02 6.59
N GLU A 344 -10.37 14.18 5.97
CA GLU A 344 -11.70 14.82 6.01
C GLU A 344 -12.66 14.29 4.96
N GLY A 345 -12.22 13.47 4.03
CA GLY A 345 -13.17 12.84 3.12
C GLY A 345 -13.17 13.40 1.72
N TYR A 346 -12.34 14.43 1.48
CA TYR A 346 -12.12 14.95 0.15
C TYR A 346 -11.10 14.16 -0.66
N LEU A 347 -11.31 14.10 -1.99
CA LEU A 347 -10.30 13.75 -2.96
C LEU A 347 -9.87 15.00 -3.67
N HIS A 348 -8.60 15.13 -4.04
CA HIS A 348 -8.15 16.30 -4.77
C HIS A 348 -7.47 15.83 -6.01
N TRP A 349 -7.77 16.47 -7.13
CA TRP A 349 -7.08 16.09 -8.36
C TRP A 349 -6.05 17.17 -8.65
N ILE A 350 -4.87 16.78 -9.07
CA ILE A 350 -3.74 17.70 -9.22
C ILE A 350 -3.11 17.55 -10.57
N ASN A 351 -2.80 18.71 -11.15
CA ASN A 351 -2.17 18.74 -12.44
C ASN A 351 -0.69 18.43 -12.31
N VAL A 352 -0.30 17.41 -13.06
CA VAL A 352 0.94 16.74 -13.06
C VAL A 352 2.05 17.61 -13.62
N GLU A 353 1.70 18.54 -14.47
CA GLU A 353 2.73 19.40 -15.06
C GLU A 353 3.12 20.60 -14.26
N ASP A 354 2.21 21.13 -13.45
CA ASP A 354 2.52 22.34 -12.69
C ASP A 354 2.10 22.29 -11.22
N GLY A 355 1.43 21.19 -10.85
CA GLY A 355 1.05 20.96 -9.49
C GLY A 355 -0.14 21.71 -9.01
N ARG A 356 -1.02 22.09 -9.93
CA ARG A 356 -2.13 22.98 -9.56
C ARG A 356 -3.39 22.11 -9.45
N PHE A 357 -4.36 22.59 -8.68
CA PHE A 357 -5.63 21.86 -8.49
C PHE A 357 -6.54 21.88 -9.70
N VAL A 358 -6.86 20.69 -10.17
CA VAL A 358 -7.70 20.51 -11.31
C VAL A 358 -9.15 20.22 -10.88
N ALA A 359 -9.37 19.54 -9.75
CA ALA A 359 -10.74 19.24 -9.25
C ALA A 359 -10.74 18.95 -7.75
N GLN A 360 -11.92 19.01 -7.14
CA GLN A 360 -12.10 18.70 -5.72
C GLN A 360 -13.37 17.87 -5.54
N GLN A 361 -13.56 17.26 -4.38
CA GLN A 361 -14.76 16.48 -4.10
C GLN A 361 -14.88 16.10 -2.63
N LYS A 362 -16.07 16.30 -2.03
CA LYS A 362 -16.36 15.74 -0.71
C LYS A 362 -16.92 14.37 -0.98
N VAL A 363 -16.44 13.32 -0.30
CA VAL A 363 -16.81 11.95 -0.69
C VAL A 363 -17.35 11.09 0.46
N ASP A 364 -16.85 11.27 1.66
CA ASP A 364 -17.23 10.45 2.81
C ASP A 364 -16.85 11.28 3.99
N SER A 365 -17.39 10.98 5.17
CA SER A 365 -17.09 11.87 6.29
C SER A 365 -16.30 11.18 7.39
N SER A 366 -16.18 9.84 7.31
CA SER A 366 -15.23 9.12 8.16
C SER A 366 -13.78 9.50 7.79
N GLY A 367 -13.53 9.79 6.50
CA GLY A 367 -12.19 10.17 6.08
C GLY A 367 -11.53 9.06 5.31
N PHE A 368 -10.47 9.43 4.62
CA PHE A 368 -9.62 8.45 3.96
C PHE A 368 -8.28 8.25 4.69
N GLN A 369 -7.72 7.05 4.57
CA GLN A 369 -6.49 6.68 5.26
C GLN A 369 -5.60 5.82 4.35
N THR A 370 -6.11 4.69 3.93
CA THR A 370 -5.34 3.81 3.08
C THR A 370 -5.38 4.25 1.60
N GLU A 371 -4.72 3.50 0.73
CA GLU A 371 -4.41 4.12 -0.54
C GLU A 371 -5.56 4.15 -1.57
N PRO A 372 -5.57 5.17 -2.46
CA PRO A 372 -6.41 5.07 -3.64
C PRO A 372 -5.85 3.98 -4.50
N VAL A 373 -6.70 3.47 -5.36
CA VAL A 373 -6.34 2.38 -6.26
C VAL A 373 -6.84 2.72 -7.66
N ALA A 374 -5.95 2.54 -8.61
CA ALA A 374 -6.25 2.80 -10.00
C ALA A 374 -5.85 1.60 -10.82
N ALA A 375 -6.84 0.87 -11.31
CA ALA A 375 -6.59 -0.12 -12.35
C ALA A 375 -7.69 -0.07 -13.43
N ASP A 376 -7.31 -0.29 -14.70
CA ASP A 376 -8.27 -0.47 -15.81
C ASP A 376 -9.52 0.43 -15.75
N GLY A 377 -9.27 1.74 -15.80
CA GLY A 377 -10.36 2.71 -15.88
C GLY A 377 -11.32 2.75 -14.71
N LYS A 378 -10.94 2.09 -13.61
CA LYS A 378 -11.70 2.22 -12.34
C LYS A 378 -10.84 2.96 -11.28
N LEU A 379 -11.46 3.85 -10.50
CA LEU A 379 -10.75 4.57 -9.43
C LEU A 379 -11.42 4.31 -8.08
N LEU A 380 -10.84 3.40 -7.32
CA LEU A 380 -11.43 2.89 -6.11
C LEU A 380 -10.78 3.51 -4.89
N ILE A 381 -11.55 3.69 -3.82
CA ILE A 381 -10.95 4.01 -2.54
C ILE A 381 -11.84 3.64 -1.35
N GLN A 382 -11.23 3.11 -0.30
CA GLN A 382 -11.96 2.64 0.87
C GLN A 382 -11.74 3.58 2.06
N ALA A 383 -12.81 4.11 2.61
CA ALA A 383 -12.70 5.05 3.69
C ALA A 383 -12.54 4.29 4.99
N LYS A 384 -12.26 5.00 6.07
CA LYS A 384 -12.03 4.28 7.30
C LYS A 384 -13.20 3.57 7.87
N ASP A 385 -14.41 4.08 7.61
CA ASP A 385 -15.62 3.34 8.04
C ASP A 385 -15.82 2.04 7.23
N GLY A 386 -15.02 1.87 6.17
CA GLY A 386 -14.97 0.59 5.47
C GLY A 386 -15.59 0.72 4.10
N THR A 387 -16.16 1.88 3.82
CA THR A 387 -16.92 2.00 2.58
C THR A 387 -16.04 2.18 1.36
N VAL A 388 -16.25 1.31 0.39
CA VAL A 388 -15.57 1.34 -0.89
C VAL A 388 -16.29 2.28 -1.92
N TYR A 389 -15.55 3.20 -2.52
CA TYR A 389 -16.09 4.05 -3.58
C TYR A 389 -15.44 3.76 -4.91
N SER A 390 -16.22 3.94 -5.95
CA SER A 390 -15.75 3.93 -7.31
C SER A 390 -16.07 5.34 -7.76
N ILE A 391 -15.15 5.99 -8.48
CA ILE A 391 -15.18 7.47 -8.74
C ILE A 391 -15.30 7.81 -10.22
N THR A 392 -16.04 8.92 -10.50
CA THR A 392 -16.69 9.31 -11.80
C THR A 392 -17.20 8.18 -12.70
NA NA B . 1.00 -3.16 0.95
#